data_7PX6
#
_entry.id   7PX6
#
_cell.length_a   45.090
_cell.length_b   68.420
_cell.length_c   158.990
_cell.angle_alpha   90.000
_cell.angle_beta   90.000
_cell.angle_gamma   90.000
#
_symmetry.space_group_name_H-M   'P 21 21 21'
#
loop_
_entity.id
_entity.type
_entity.pdbx_description
1 polymer 'Protein mono-ADP-ribosyltransferase PARP15'
2 non-polymer 6-[(2-fluorophenyl)methoxy]phthalazine-1,4-dione
3 non-polymer (4S)-2-METHYL-2,4-PENTANEDIOL
4 water water
#
_entity_poly.entity_id   1
_entity_poly.type   'polypeptide(L)'
_entity_poly.pdbx_seq_one_letter_code
;MHHHHHHSSGVDLGTENLYFQSMNLPEHWTDMNHQLFCMVQLEPGQSEYNTIKDKFTRTCSSYAIEKIERIQNAFLWQSY
QVKKRQMDIKNDHKNNERLLFHGTDADSVPYVNQHGFNRSCAGKNAVSYGKGTYFAVDASYSAKDTYSKPDSNGRKHMYV
VRVLTGVFTKGRAGLVTPPPKNPHNPTDLFDSVTNNTRSPKLFVVFFDNQAYPEYLITFTA
;
_entity_poly.pdbx_strand_id   A,B
#
loop_
_chem_comp.id
_chem_comp.type
_chem_comp.name
_chem_comp.formula
8D2 non-polymer 6-[(2-fluorophenyl)methoxy]phthalazine-1,4-dione 'C15 H9 F N2 O3'
MPD non-polymer (4S)-2-METHYL-2,4-PENTANEDIOL 'C6 H14 O2'
#
# COMPACT_ATOMS: atom_id res chain seq x y z
N ASN A 24 11.12 -4.75 16.10
CA ASN A 24 11.64 -6.16 16.19
C ASN A 24 12.56 -6.42 14.98
N LEU A 25 13.67 -5.69 14.90
CA LEU A 25 14.59 -5.70 13.73
C LEU A 25 15.44 -6.97 13.76
N PRO A 26 15.66 -7.61 12.59
CA PRO A 26 16.31 -8.92 12.55
C PRO A 26 17.72 -8.96 13.15
N GLU A 27 18.09 -10.12 13.69
CA GLU A 27 19.39 -10.36 14.38
C GLU A 27 20.55 -10.01 13.44
N HIS A 28 20.49 -10.47 12.18
CA HIS A 28 21.60 -10.34 11.19
C HIS A 28 21.75 -8.89 10.70
N TRP A 29 20.79 -8.01 10.98
CA TRP A 29 21.02 -6.56 10.74
C TRP A 29 22.18 -6.10 11.61
N THR A 30 22.86 -5.07 11.15
CA THR A 30 23.95 -4.44 11.93
C THR A 30 23.41 -3.12 12.49
N ASP A 31 24.02 -2.66 13.58
CA ASP A 31 23.59 -1.48 14.36
C ASP A 31 23.47 -0.27 13.44
N MET A 32 22.45 0.55 13.63
CA MET A 32 22.21 1.71 12.74
C MET A 32 22.29 3.02 13.51
N ASN A 33 22.87 3.00 14.72
CA ASN A 33 23.15 4.24 15.48
C ASN A 33 21.84 5.01 15.59
N HIS A 34 20.77 4.30 15.97
CA HIS A 34 19.43 4.88 16.29
C HIS A 34 18.79 5.48 15.03
N GLN A 35 19.29 5.15 13.84
CA GLN A 35 18.63 5.54 12.57
C GLN A 35 17.76 4.39 12.09
N LEU A 36 16.88 4.66 11.13
CA LEU A 36 15.86 3.67 10.72
C LEU A 36 16.08 3.24 9.28
N PHE A 37 17.05 3.82 8.57
CA PHE A 37 17.37 3.40 7.20
C PHE A 37 18.87 3.34 6.99
N CYS A 38 19.34 2.21 6.48
CA CYS A 38 20.74 2.10 6.02
CA CYS A 38 20.77 2.03 6.10
C CYS A 38 20.94 0.96 5.01
N MET A 39 21.81 1.25 4.06
CA MET A 39 22.26 0.25 3.08
C MET A 39 23.61 -0.24 3.57
N VAL A 40 23.75 -1.53 3.82
CA VAL A 40 25.00 -2.10 4.41
C VAL A 40 25.66 -3.00 3.38
N GLN A 41 26.83 -2.59 2.92
CA GLN A 41 27.59 -3.39 1.93
C GLN A 41 28.07 -4.66 2.62
N LEU A 42 27.75 -5.81 2.03
CA LEU A 42 28.11 -7.14 2.57
C LEU A 42 29.59 -7.43 2.31
N GLU A 43 30.19 -8.11 3.25
CA GLU A 43 31.60 -8.57 3.16
C GLU A 43 31.65 -9.81 2.26
N PRO A 44 32.40 -9.81 1.13
CA PRO A 44 32.59 -11.03 0.36
C PRO A 44 33.21 -12.16 1.19
N GLY A 45 32.71 -13.38 1.00
CA GLY A 45 33.23 -14.61 1.62
C GLY A 45 32.55 -14.96 2.94
N GLN A 46 31.73 -14.06 3.50
CA GLN A 46 30.98 -14.40 4.73
C GLN A 46 29.66 -15.04 4.34
N SER A 47 29.08 -15.78 5.27
CA SER A 47 27.91 -16.68 5.06
C SER A 47 26.81 -15.91 4.31
N GLU A 48 26.48 -14.70 4.75
CA GLU A 48 25.34 -13.94 4.19
C GLU A 48 25.60 -13.61 2.70
N TYR A 49 26.75 -13.01 2.42
CA TYR A 49 27.15 -12.66 1.03
C TYR A 49 27.16 -13.94 0.18
N ASN A 50 27.74 -15.02 0.68
CA ASN A 50 27.84 -16.29 -0.12
C ASN A 50 26.44 -16.82 -0.41
N THR A 51 25.55 -16.82 0.58
CA THR A 51 24.16 -17.30 0.39
C THR A 51 23.47 -16.49 -0.71
N ILE A 52 23.58 -15.16 -0.67
CA ILE A 52 22.84 -14.31 -1.64
C ILE A 52 23.52 -14.46 -2.99
N LYS A 53 24.85 -14.43 -3.01
CA LYS A 53 25.60 -14.64 -4.27
C LYS A 53 25.22 -15.99 -4.90
N ASP A 54 25.08 -17.07 -4.14
CA ASP A 54 24.76 -18.41 -4.72
C ASP A 54 23.40 -18.36 -5.39
N LYS A 55 22.41 -17.67 -4.78
CA LYS A 55 21.03 -17.61 -5.34
C LYS A 55 21.09 -16.93 -6.71
N PHE A 56 21.92 -15.91 -6.86
CA PHE A 56 22.09 -15.14 -8.11
C PHE A 56 22.86 -15.99 -9.14
N THR A 57 24.00 -16.55 -8.72
CA THR A 57 24.90 -17.32 -9.63
C THR A 57 24.24 -18.62 -10.09
N ARG A 58 23.21 -19.13 -9.39
CA ARG A 58 22.43 -20.29 -9.87
C ARG A 58 22.05 -20.08 -11.35
N THR A 59 21.63 -18.87 -11.73
CA THR A 59 21.20 -18.61 -13.12
C THR A 59 22.00 -17.48 -13.77
N CYS A 60 22.83 -16.71 -13.03
CA CYS A 60 23.54 -15.54 -13.59
C CYS A 60 25.05 -15.68 -13.40
N SER A 61 25.57 -16.91 -13.57
CA SER A 61 27.00 -17.17 -13.28
C SER A 61 27.89 -16.45 -14.29
N SER A 62 27.37 -16.01 -15.43
CA SER A 62 28.19 -15.32 -16.46
C SER A 62 28.34 -13.83 -16.15
N TYR A 63 27.61 -13.33 -15.15
CA TYR A 63 27.63 -11.89 -14.81
C TYR A 63 28.82 -11.64 -13.86
N ALA A 64 29.08 -10.38 -13.58
CA ALA A 64 30.14 -9.95 -12.65
C ALA A 64 29.48 -9.14 -11.53
N ILE A 65 29.53 -9.65 -10.30
CA ILE A 65 28.99 -8.95 -9.09
C ILE A 65 30.00 -7.90 -8.64
N GLU A 66 29.57 -6.63 -8.59
CA GLU A 66 30.40 -5.54 -8.04
C GLU A 66 30.17 -5.52 -6.53
N LYS A 67 28.92 -5.53 -6.07
CA LYS A 67 28.68 -5.55 -4.62
C LYS A 67 27.27 -6.05 -4.34
N ILE A 68 27.08 -6.47 -3.09
CA ILE A 68 25.75 -6.84 -2.56
C ILE A 68 25.55 -5.99 -1.30
N GLU A 69 24.39 -5.36 -1.19
CA GLU A 69 24.07 -4.53 0.00
C GLU A 69 22.83 -5.09 0.66
N ARG A 70 22.84 -5.14 1.98
CA ARG A 70 21.66 -5.47 2.80
C ARG A 70 20.85 -4.18 2.98
N ILE A 71 19.56 -4.24 2.66
CA ILE A 71 18.64 -3.10 2.83
C ILE A 71 18.06 -3.16 4.24
N GLN A 72 18.46 -2.21 5.09
CA GLN A 72 17.91 -2.13 6.46
C GLN A 72 16.95 -0.95 6.52
N ASN A 73 15.68 -1.23 6.25
CA ASN A 73 14.63 -0.18 6.23
C ASN A 73 13.62 -0.56 7.29
N ALA A 74 13.72 0.02 8.48
CA ALA A 74 12.90 -0.39 9.64
C ALA A 74 11.42 -0.27 9.33
N PHE A 75 11.01 0.86 8.72
CA PHE A 75 9.58 1.14 8.42
C PHE A 75 9.03 0.12 7.43
N LEU A 76 9.75 -0.14 6.34
CA LEU A 76 9.28 -1.11 5.32
C LEU A 76 9.24 -2.48 5.98
N TRP A 77 10.24 -2.81 6.79
CA TRP A 77 10.30 -4.13 7.44
C TRP A 77 9.08 -4.28 8.34
N GLN A 78 8.79 -3.25 9.13
CA GLN A 78 7.66 -3.26 10.10
CA GLN A 78 7.67 -3.36 10.10
C GLN A 78 6.36 -3.55 9.32
N SER A 79 6.11 -2.78 8.28
CA SER A 79 4.85 -2.88 7.49
C SER A 79 4.74 -4.27 6.84
N TYR A 80 5.86 -4.78 6.35
CA TYR A 80 5.93 -6.11 5.71
C TYR A 80 5.63 -7.20 6.73
N GLN A 81 6.26 -7.13 7.91
CA GLN A 81 6.09 -8.17 8.96
C GLN A 81 4.65 -8.15 9.47
N VAL A 82 4.01 -6.98 9.53
CA VAL A 82 2.58 -6.91 9.90
C VAL A 82 1.78 -7.65 8.82
N LYS A 83 2.02 -7.38 7.56
CA LYS A 83 1.33 -8.09 6.44
CA LYS A 83 1.30 -8.10 6.48
C LYS A 83 1.62 -9.59 6.53
N LYS A 84 2.86 -9.97 6.80
CA LYS A 84 3.19 -11.41 6.92
C LYS A 84 2.36 -12.05 8.03
N ARG A 85 2.34 -11.44 9.22
CA ARG A 85 1.60 -12.02 10.37
C ARG A 85 0.12 -12.16 10.00
N GLN A 86 -0.44 -11.18 9.32
CA GLN A 86 -1.86 -11.21 8.87
C GLN A 86 -2.04 -12.34 7.87
N MET A 87 -1.12 -12.49 6.92
CA MET A 87 -1.28 -13.54 5.89
C MET A 87 -1.18 -14.92 6.56
N ASP A 88 -0.29 -15.07 7.53
CA ASP A 88 -0.08 -16.35 8.26
C ASP A 88 -1.39 -16.69 8.99
N ILE A 89 -2.06 -15.69 9.60
CA ILE A 89 -3.36 -15.91 10.28
C ILE A 89 -4.43 -16.31 9.24
N LYS A 90 -4.56 -15.52 8.18
CA LYS A 90 -5.65 -15.67 7.19
C LYS A 90 -5.53 -17.07 6.54
N ASN A 91 -4.33 -17.45 6.15
CA ASN A 91 -4.05 -18.70 5.38
C ASN A 91 -3.87 -19.86 6.35
N ASP A 92 -3.73 -19.58 7.66
CA ASP A 92 -3.60 -20.57 8.75
C ASP A 92 -2.41 -21.50 8.50
N HIS A 93 -1.30 -20.93 8.02
CA HIS A 93 0.04 -21.57 7.96
C HIS A 93 1.06 -20.48 7.69
N LYS A 94 2.34 -20.79 7.95
CA LYS A 94 3.51 -20.12 7.35
C LYS A 94 3.57 -20.57 5.88
N ASN A 95 4.74 -20.56 5.24
CA ASN A 95 4.89 -20.88 3.80
C ASN A 95 4.18 -19.82 2.95
N ASN A 96 4.03 -18.58 3.42
CA ASN A 96 3.42 -17.53 2.57
C ASN A 96 4.49 -16.71 1.86
N GLU A 97 5.75 -16.95 2.17
CA GLU A 97 6.89 -16.11 1.75
C GLU A 97 7.78 -16.87 0.77
N ARG A 98 8.28 -16.18 -0.24
CA ARG A 98 9.26 -16.73 -1.22
C ARG A 98 10.33 -15.66 -1.41
N LEU A 99 11.55 -16.07 -1.75
CA LEU A 99 12.61 -15.10 -2.08
C LEU A 99 12.69 -15.01 -3.61
N LEU A 100 12.49 -13.83 -4.16
CA LEU A 100 12.39 -13.62 -5.62
C LEU A 100 13.28 -12.45 -6.03
N PHE A 101 13.38 -12.23 -7.32
CA PHE A 101 14.29 -11.23 -7.90
C PHE A 101 13.46 -10.12 -8.54
N HIS A 102 14.02 -8.93 -8.57
CA HIS A 102 13.40 -7.78 -9.24
C HIS A 102 14.50 -6.88 -9.78
N GLY A 103 14.65 -6.89 -11.09
CA GLY A 103 15.55 -5.96 -11.80
C GLY A 103 14.91 -4.62 -11.95
N THR A 104 15.66 -3.54 -11.76
CA THR A 104 15.13 -2.20 -12.03
C THR A 104 16.25 -1.30 -12.55
N ASP A 105 15.87 -0.11 -12.99
CA ASP A 105 16.82 0.90 -13.49
C ASP A 105 17.45 1.64 -12.30
N ALA A 106 18.64 2.18 -12.51
CA ALA A 106 19.40 2.92 -11.47
C ALA A 106 18.55 4.04 -10.87
N ASP A 107 17.73 4.72 -11.67
CA ASP A 107 17.00 5.91 -11.18
C ASP A 107 15.88 5.48 -10.21
N SER A 108 15.48 4.21 -10.22
CA SER A 108 14.42 3.68 -9.33
C SER A 108 15.01 3.14 -8.02
N VAL A 109 16.31 2.89 -7.97
CA VAL A 109 16.95 2.22 -6.82
C VAL A 109 16.73 3.04 -5.53
N PRO A 110 17.00 4.36 -5.47
CA PRO A 110 16.75 5.10 -4.23
C PRO A 110 15.30 5.00 -3.74
N TYR A 111 14.35 5.09 -4.66
CA TYR A 111 12.91 4.97 -4.31
C TYR A 111 12.63 3.59 -3.67
N VAL A 112 13.06 2.52 -4.32
CA VAL A 112 12.79 1.14 -3.82
C VAL A 112 13.43 0.99 -2.45
N ASN A 113 14.68 1.42 -2.30
CA ASN A 113 15.41 1.26 -1.02
C ASN A 113 14.59 1.89 0.11
N GLN A 114 13.99 3.03 -0.16
CA GLN A 114 13.30 3.87 0.87
CA GLN A 114 13.32 3.83 0.91
C GLN A 114 11.83 3.48 0.99
N HIS A 115 11.18 3.22 -0.13
CA HIS A 115 9.70 3.08 -0.19
C HIS A 115 9.24 1.70 -0.65
N GLY A 116 10.16 0.82 -1.04
CA GLY A 116 9.77 -0.50 -1.56
C GLY A 116 9.13 -0.38 -2.92
N PHE A 117 8.23 -1.30 -3.24
CA PHE A 117 7.72 -1.51 -4.60
C PHE A 117 6.37 -0.82 -4.73
N ASN A 118 6.13 -0.23 -5.89
CA ASN A 118 4.92 0.60 -6.10
C ASN A 118 4.32 0.24 -7.45
N ARG A 119 3.16 -0.40 -7.42
CA ARG A 119 2.48 -0.84 -8.66
C ARG A 119 2.15 0.37 -9.54
N SER A 120 2.02 1.57 -8.96
CA SER A 120 1.68 2.80 -9.73
C SER A 120 2.87 3.28 -10.56
N CYS A 121 4.06 2.69 -10.38
CA CYS A 121 5.32 3.03 -11.11
C CYS A 121 5.66 1.94 -12.15
N LYS A 124 5.78 1.41 -18.18
CA LYS A 124 6.94 0.72 -18.78
C LYS A 124 6.87 -0.79 -18.47
N ASN A 125 7.23 -1.62 -19.46
CA ASN A 125 7.37 -3.09 -19.38
C ASN A 125 6.00 -3.79 -19.35
N ALA A 126 5.97 -5.06 -19.78
CA ALA A 126 4.77 -5.91 -19.90
C ALA A 126 4.13 -6.14 -18.52
N VAL A 127 2.80 -6.11 -18.50
CA VAL A 127 1.97 -6.31 -17.27
C VAL A 127 0.83 -7.29 -17.61
N SER A 128 1.18 -8.28 -18.44
CA SER A 128 0.29 -9.34 -18.99
C SER A 128 -0.44 -10.11 -17.90
N TYR A 129 0.09 -10.18 -16.67
CA TYR A 129 -0.54 -11.01 -15.62
C TYR A 129 -1.21 -10.11 -14.58
N GLY A 130 -1.28 -8.80 -14.84
CA GLY A 130 -1.97 -7.83 -13.98
C GLY A 130 -1.11 -6.63 -13.66
N LYS A 131 -1.75 -5.58 -13.19
CA LYS A 131 -1.13 -4.26 -12.91
C LYS A 131 -0.62 -4.30 -11.47
N GLY A 132 0.44 -5.07 -11.25
CA GLY A 132 1.11 -5.17 -9.95
C GLY A 132 2.60 -5.05 -10.12
N THR A 133 3.34 -5.36 -9.07
CA THR A 133 4.81 -5.43 -9.17
C THR A 133 5.18 -6.88 -9.45
N TYR A 134 6.09 -7.05 -10.41
CA TYR A 134 6.55 -8.36 -10.92
C TYR A 134 7.84 -8.77 -10.20
N PHE A 135 7.90 -10.04 -9.84
CA PHE A 135 9.10 -10.68 -9.25
C PHE A 135 9.39 -11.96 -10.03
N ALA A 136 10.66 -12.21 -10.31
CA ALA A 136 11.11 -13.42 -11.04
C ALA A 136 11.59 -14.47 -10.07
N VAL A 137 11.31 -15.74 -10.39
CA VAL A 137 11.89 -16.89 -9.67
C VAL A 137 13.40 -16.96 -9.96
N ASP A 138 13.79 -16.71 -11.21
CA ASP A 138 15.20 -16.81 -11.67
C ASP A 138 15.82 -15.43 -11.82
N ALA A 139 16.99 -15.22 -11.22
CA ALA A 139 17.76 -13.98 -11.39
C ALA A 139 17.95 -13.69 -12.88
N SER A 140 18.15 -14.74 -13.69
CA SER A 140 18.46 -14.56 -15.13
C SER A 140 17.32 -13.79 -15.82
N TYR A 141 16.07 -13.94 -15.36
CA TYR A 141 14.93 -13.24 -15.98
C TYR A 141 15.04 -11.74 -15.64
N SER A 142 15.29 -11.44 -14.37
CA SER A 142 15.44 -10.04 -13.87
C SER A 142 16.70 -9.41 -14.46
N ALA A 143 17.66 -10.20 -14.91
CA ALA A 143 18.97 -9.74 -15.44
C ALA A 143 18.79 -9.20 -16.86
N LYS A 144 17.64 -9.44 -17.48
CA LYS A 144 17.34 -8.81 -18.79
C LYS A 144 17.47 -7.29 -18.70
N ASP A 145 18.07 -6.68 -19.73
CA ASP A 145 18.32 -5.22 -19.80
C ASP A 145 17.00 -4.44 -19.69
N THR A 146 15.87 -5.00 -20.13
CA THR A 146 14.55 -4.34 -20.09
C THR A 146 14.14 -4.11 -18.62
N TYR A 147 14.67 -4.92 -17.69
CA TYR A 147 14.36 -4.84 -16.24
C TYR A 147 15.53 -4.18 -15.53
N SER A 148 16.68 -4.83 -15.50
CA SER A 148 17.87 -4.28 -14.79
C SER A 148 18.63 -3.42 -15.79
N LYS A 149 18.05 -2.28 -16.17
CA LYS A 149 18.61 -1.45 -17.27
CA LYS A 149 18.60 -1.42 -17.25
C LYS A 149 20.03 -1.03 -16.89
N PRO A 150 21.02 -1.31 -17.76
CA PRO A 150 22.41 -0.91 -17.49
C PRO A 150 22.49 0.61 -17.50
N ASP A 151 23.22 1.18 -16.54
CA ASP A 151 23.30 2.66 -16.32
C ASP A 151 24.44 3.19 -17.21
N SER A 152 24.68 4.50 -17.14
CA SER A 152 25.64 5.21 -18.03
C SER A 152 27.02 4.53 -17.95
N ASN A 153 27.31 3.81 -16.86
CA ASN A 153 28.61 3.10 -16.62
C ASN A 153 28.47 1.58 -16.72
N GLY A 154 27.35 1.05 -17.23
CA GLY A 154 27.17 -0.39 -17.51
C GLY A 154 26.64 -1.19 -16.32
N ARG A 155 26.40 -0.53 -15.19
CA ARG A 155 26.02 -1.23 -13.95
C ARG A 155 24.55 -1.58 -14.04
N LYS A 156 24.21 -2.78 -13.58
CA LYS A 156 22.83 -3.30 -13.55
C LYS A 156 22.47 -3.53 -12.09
N HIS A 157 21.19 -3.43 -11.75
CA HIS A 157 20.70 -3.46 -10.36
C HIS A 157 19.55 -4.45 -10.23
N MET A 158 19.66 -5.37 -9.30
CA MET A 158 18.63 -6.38 -9.06
C MET A 158 18.46 -6.57 -7.57
N TYR A 159 17.21 -6.54 -7.14
CA TYR A 159 16.86 -6.82 -5.74
C TYR A 159 16.62 -8.30 -5.53
N VAL A 160 17.01 -8.76 -4.36
CA VAL A 160 16.52 -10.03 -3.77
C VAL A 160 15.43 -9.62 -2.79
N VAL A 161 14.25 -10.18 -2.99
CA VAL A 161 13.02 -9.64 -2.37
C VAL A 161 12.33 -10.76 -1.59
N ARG A 162 11.92 -10.45 -0.37
CA ARG A 162 10.98 -11.30 0.37
C ARG A 162 9.58 -10.94 -0.12
N VAL A 163 8.89 -11.91 -0.72
CA VAL A 163 7.55 -11.65 -1.30
C VAL A 163 6.52 -12.54 -0.62
N LEU A 164 5.43 -11.92 -0.18
CA LEU A 164 4.31 -12.67 0.41
C LEU A 164 3.42 -13.15 -0.74
N THR A 165 3.84 -14.26 -1.39
CA THR A 165 3.08 -14.86 -2.50
C THR A 165 1.82 -15.54 -1.97
N GLY A 166 1.85 -16.08 -0.76
CA GLY A 166 0.71 -16.76 -0.15
C GLY A 166 0.08 -17.78 -1.08
N VAL A 167 -1.25 -17.74 -1.19
CA VAL A 167 -2.05 -18.64 -2.06
C VAL A 167 -2.21 -17.91 -3.38
N PHE A 168 -1.76 -18.52 -4.46
CA PHE A 168 -1.73 -17.83 -5.77
C PHE A 168 -2.53 -18.60 -6.79
N THR A 169 -2.84 -17.88 -7.85
CA THR A 169 -3.56 -18.41 -9.01
C THR A 169 -2.93 -17.80 -10.26
N LYS A 170 -3.37 -18.25 -11.41
CA LYS A 170 -2.88 -17.70 -12.68
C LYS A 170 -3.42 -16.29 -12.89
N GLY A 171 -2.54 -15.39 -13.29
CA GLY A 171 -2.90 -14.00 -13.58
C GLY A 171 -3.50 -13.84 -14.97
N ARG A 172 -3.91 -12.62 -15.27
CA ARG A 172 -4.36 -12.21 -16.62
CA ARG A 172 -4.39 -12.21 -16.61
C ARG A 172 -4.29 -10.68 -16.76
N ALA A 173 -4.29 -10.21 -18.01
CA ALA A 173 -4.11 -8.79 -18.30
C ALA A 173 -5.25 -8.01 -17.63
N GLY A 174 -4.92 -6.88 -17.05
CA GLY A 174 -5.89 -5.89 -16.58
C GLY A 174 -6.30 -6.11 -15.14
N LEU A 175 -5.87 -7.19 -14.47
CA LEU A 175 -6.17 -7.34 -13.01
C LEU A 175 -5.59 -6.14 -12.27
N VAL A 176 -6.34 -5.56 -11.33
CA VAL A 176 -5.81 -4.52 -10.41
C VAL A 176 -5.62 -5.12 -9.00
N THR A 177 -6.22 -6.27 -8.72
CA THR A 177 -5.97 -7.08 -7.51
C THR A 177 -6.01 -8.54 -7.93
N PRO A 178 -5.54 -9.46 -7.08
CA PRO A 178 -5.71 -10.88 -7.39
C PRO A 178 -7.19 -11.19 -7.49
N PRO A 179 -7.56 -12.23 -8.25
CA PRO A 179 -8.94 -12.68 -8.30
C PRO A 179 -9.44 -13.17 -6.95
N PRO A 180 -10.76 -13.26 -6.78
CA PRO A 180 -11.33 -13.95 -5.62
C PRO A 180 -11.08 -15.46 -5.70
N LYS A 181 -10.90 -16.11 -4.55
CA LYS A 181 -10.74 -17.59 -4.49
C LYS A 181 -12.05 -18.27 -4.90
N ASN A 182 -13.18 -17.71 -4.47
CA ASN A 182 -14.54 -18.19 -4.83
C ASN A 182 -15.38 -16.97 -5.17
N PRO A 183 -15.84 -16.79 -6.43
CA PRO A 183 -16.68 -15.63 -6.78
C PRO A 183 -18.01 -15.53 -5.99
N HIS A 184 -18.32 -16.53 -5.14
CA HIS A 184 -19.43 -16.47 -4.16
C HIS A 184 -19.04 -15.57 -2.97
N ASN A 185 -17.74 -15.41 -2.70
CA ASN A 185 -17.18 -14.41 -1.75
C ASN A 185 -16.17 -13.55 -2.50
N PRO A 186 -16.64 -12.52 -3.25
CA PRO A 186 -15.76 -11.77 -4.14
C PRO A 186 -14.64 -11.00 -3.41
N THR A 187 -14.70 -10.80 -2.09
CA THR A 187 -13.67 -10.00 -1.36
C THR A 187 -12.60 -10.90 -0.74
N ASP A 188 -12.77 -12.22 -0.73
CA ASP A 188 -11.75 -13.16 -0.20
C ASP A 188 -10.76 -13.49 -1.33
N LEU A 189 -9.60 -12.81 -1.37
CA LEU A 189 -8.77 -12.80 -2.60
C LEU A 189 -7.62 -13.79 -2.47
N PHE A 190 -7.16 -14.30 -3.60
CA PHE A 190 -5.79 -14.87 -3.69
C PHE A 190 -4.82 -13.79 -3.22
N ASP A 191 -3.62 -14.19 -2.81
CA ASP A 191 -2.60 -13.26 -2.28
C ASP A 191 -1.73 -12.71 -3.41
N SER A 192 -1.55 -13.48 -4.48
CA SER A 192 -0.71 -13.08 -5.63
C SER A 192 -1.18 -13.82 -6.88
N VAL A 193 -0.64 -13.44 -8.03
CA VAL A 193 -0.88 -14.24 -9.25
C VAL A 193 0.47 -14.62 -9.83
N THR A 194 0.42 -15.57 -10.74
CA THR A 194 1.62 -16.13 -11.39
C THR A 194 1.34 -16.37 -12.87
N ASN A 195 2.39 -16.64 -13.63
CA ASN A 195 2.23 -17.05 -15.05
C ASN A 195 1.72 -18.50 -15.12
N ASN A 196 2.01 -19.33 -14.11
CA ASN A 196 1.79 -20.80 -14.18
C ASN A 196 1.80 -21.35 -12.75
N THR A 197 0.70 -21.94 -12.30
CA THR A 197 0.51 -22.33 -10.89
C THR A 197 1.34 -23.58 -10.57
N ARG A 198 1.54 -24.47 -11.55
CA ARG A 198 2.27 -25.75 -11.35
C ARG A 198 3.79 -25.47 -11.35
N SER A 199 4.28 -24.57 -12.20
CA SER A 199 5.72 -24.25 -12.33
C SER A 199 5.91 -22.74 -12.51
N PRO A 200 5.66 -21.97 -11.44
CA PRO A 200 5.75 -20.52 -11.52
C PRO A 200 7.15 -20.00 -11.85
N LYS A 201 7.22 -19.00 -12.72
CA LYS A 201 8.49 -18.29 -12.99
C LYS A 201 8.37 -16.81 -12.65
N LEU A 202 7.16 -16.29 -12.48
CA LEU A 202 6.99 -14.92 -12.01
C LEU A 202 5.78 -14.85 -11.09
N PHE A 203 5.83 -13.89 -10.18
CA PHE A 203 4.72 -13.59 -9.25
C PHE A 203 4.42 -12.12 -9.34
N VAL A 204 3.15 -11.79 -9.18
CA VAL A 204 2.72 -10.38 -9.20
C VAL A 204 2.01 -10.10 -7.90
N VAL A 205 2.41 -9.05 -7.20
CA VAL A 205 1.63 -8.61 -5.99
C VAL A 205 1.07 -7.24 -6.26
N PHE A 206 -0.06 -6.93 -5.63
CA PHE A 206 -0.86 -5.75 -6.00
C PHE A 206 -1.02 -4.81 -4.82
N PHE A 207 -0.29 -5.02 -3.72
CA PHE A 207 -0.43 -4.19 -2.51
C PHE A 207 0.95 -3.82 -1.99
N ASP A 208 1.04 -2.60 -1.44
CA ASP A 208 2.29 -2.07 -0.89
C ASP A 208 2.64 -2.99 0.29
N ASN A 209 3.92 -3.14 0.57
CA ASN A 209 4.31 -3.84 1.84
C ASN A 209 3.92 -5.34 1.74
N GLN A 210 3.68 -5.88 0.54
CA GLN A 210 3.67 -7.34 0.34
C GLN A 210 5.03 -7.85 -0.13
N ALA A 211 6.01 -6.95 -0.23
CA ALA A 211 7.37 -7.27 -0.76
C ALA A 211 8.37 -6.39 -0.01
N TYR A 212 9.37 -7.02 0.56
CA TYR A 212 10.46 -6.30 1.25
C TYR A 212 11.74 -6.50 0.47
N PRO A 213 12.36 -5.40 -0.03
CA PRO A 213 13.60 -5.48 -0.78
C PRO A 213 14.68 -5.75 0.27
N GLU A 214 15.27 -6.94 0.24
CA GLU A 214 16.18 -7.38 1.31
C GLU A 214 17.63 -7.12 0.91
N TYR A 215 18.00 -7.41 -0.34
CA TYR A 215 19.37 -7.19 -0.84
C TYR A 215 19.32 -6.51 -2.19
N LEU A 216 20.31 -5.67 -2.43
CA LEU A 216 20.54 -5.06 -3.75
C LEU A 216 21.84 -5.61 -4.30
N ILE A 217 21.78 -6.17 -5.50
CA ILE A 217 22.99 -6.70 -6.21
C ILE A 217 23.30 -5.71 -7.30
N THR A 218 24.52 -5.19 -7.29
CA THR A 218 25.05 -4.34 -8.37
C THR A 218 26.00 -5.21 -9.16
N PHE A 219 25.79 -5.33 -10.46
CA PHE A 219 26.48 -6.33 -11.30
C PHE A 219 26.59 -5.82 -12.72
N THR A 220 27.39 -6.52 -13.53
CA THR A 220 27.60 -6.18 -14.95
C THR A 220 27.55 -7.45 -15.79
N ALA A 221 27.34 -7.28 -17.08
CA ALA A 221 27.34 -8.36 -18.10
C ALA A 221 28.77 -8.88 -18.32
N ASN B 24 -3.69 -4.75 19.54
CA ASN B 24 -3.79 -3.26 19.70
C ASN B 24 -5.21 -2.75 19.38
N LEU B 25 -6.25 -3.59 19.43
CA LEU B 25 -7.60 -3.15 18.94
C LEU B 25 -8.21 -2.20 19.98
N PRO B 26 -8.91 -1.14 19.55
CA PRO B 26 -9.45 -0.15 20.49
C PRO B 26 -10.45 -0.80 21.48
N GLU B 27 -10.41 -0.39 22.75
CA GLU B 27 -11.11 -1.10 23.85
C GLU B 27 -12.63 -0.91 23.79
N HIS B 28 -13.11 0.14 23.14
CA HIS B 28 -14.57 0.40 23.00
C HIS B 28 -15.14 -0.35 21.78
N TRP B 29 -14.33 -1.02 20.96
CA TRP B 29 -14.89 -1.86 19.88
C TRP B 29 -15.72 -2.97 20.51
N THR B 30 -16.75 -3.43 19.82
CA THR B 30 -17.47 -4.66 20.24
C THR B 30 -16.52 -5.85 20.15
N ASP B 31 -16.70 -6.80 21.06
CA ASP B 31 -15.99 -8.11 21.04
C ASP B 31 -16.37 -8.77 19.71
N MET B 32 -15.39 -9.19 18.94
CA MET B 32 -15.65 -9.82 17.64
C MET B 32 -15.45 -11.33 17.72
N ASN B 33 -15.16 -11.85 18.92
CA ASN B 33 -15.07 -13.30 19.22
C ASN B 33 -14.14 -13.94 18.19
N HIS B 34 -12.88 -13.46 18.13
CA HIS B 34 -11.79 -14.00 17.27
C HIS B 34 -12.02 -13.68 15.79
N GLN B 35 -13.18 -13.12 15.42
CA GLN B 35 -13.44 -12.63 14.04
C GLN B 35 -12.61 -11.36 13.80
N LEU B 36 -12.25 -11.12 12.55
CA LEU B 36 -11.29 -10.07 12.13
C LEU B 36 -12.06 -8.83 11.63
N PHE B 37 -13.37 -8.94 11.50
CA PHE B 37 -14.18 -7.93 10.81
C PHE B 37 -15.61 -7.94 11.34
N CYS B 38 -16.14 -6.74 11.61
CA CYS B 38 -17.53 -6.53 12.10
C CYS B 38 -17.94 -5.11 11.67
N MET B 39 -19.18 -4.96 11.19
CA MET B 39 -19.81 -3.63 11.06
C MET B 39 -20.76 -3.49 12.25
N VAL B 40 -20.66 -2.39 12.98
CA VAL B 40 -21.46 -2.16 14.21
C VAL B 40 -22.40 -0.97 13.97
N GLN B 41 -23.69 -1.24 14.04
CA GLN B 41 -24.72 -0.19 13.88
C GLN B 41 -24.73 0.70 15.11
N LEU B 42 -24.56 2.00 14.95
CA LEU B 42 -24.55 2.95 16.08
C LEU B 42 -25.98 3.37 16.44
N GLU B 43 -26.15 3.79 17.68
CA GLU B 43 -27.46 4.31 18.17
C GLU B 43 -27.48 5.83 18.17
N PRO B 44 -28.50 6.45 17.56
CA PRO B 44 -28.71 7.89 17.66
C PRO B 44 -28.78 8.25 19.15
N GLY B 45 -28.22 9.38 19.50
CA GLY B 45 -28.21 9.83 20.92
C GLY B 45 -26.92 9.46 21.61
N GLN B 46 -26.21 8.44 21.13
CA GLN B 46 -24.82 8.20 21.61
C GLN B 46 -23.93 9.31 21.04
N SER B 47 -22.94 9.75 21.80
CA SER B 47 -22.01 10.80 21.36
C SER B 47 -21.34 10.35 20.05
N GLU B 48 -21.04 9.08 19.94
CA GLU B 48 -20.31 8.54 18.77
C GLU B 48 -21.16 8.76 17.50
N TYR B 49 -22.44 8.43 17.56
CA TYR B 49 -23.35 8.63 16.41
C TYR B 49 -23.52 10.13 16.15
N ASN B 50 -23.82 10.88 17.21
CA ASN B 50 -24.20 12.31 17.06
C ASN B 50 -23.03 13.12 16.49
N THR B 51 -21.79 12.84 16.88
CA THR B 51 -20.65 13.64 16.35
CA THR B 51 -20.62 13.62 16.36
C THR B 51 -20.51 13.42 14.84
N ILE B 52 -20.70 12.18 14.38
CA ILE B 52 -20.64 11.87 12.92
C ILE B 52 -21.83 12.50 12.23
N LYS B 53 -23.02 12.38 12.80
CA LYS B 53 -24.21 13.04 12.20
C LYS B 53 -23.97 14.56 12.10
N ASP B 54 -23.43 15.18 13.15
CA ASP B 54 -23.18 16.65 13.15
C ASP B 54 -22.14 17.01 12.07
N LYS B 55 -21.07 16.21 11.97
CA LYS B 55 -19.98 16.44 10.98
C LYS B 55 -20.58 16.41 9.56
N PHE B 56 -21.49 15.48 9.32
CA PHE B 56 -22.17 15.30 8.02
C PHE B 56 -23.15 16.46 7.78
N THR B 57 -24.01 16.77 8.77
CA THR B 57 -25.14 17.72 8.57
C THR B 57 -24.57 19.13 8.48
N ARG B 58 -23.36 19.37 8.96
CA ARG B 58 -22.70 20.70 8.86
C ARG B 58 -22.80 21.18 7.40
N THR B 59 -22.66 20.28 6.41
CA THR B 59 -22.69 20.63 4.96
C THR B 59 -23.76 19.84 4.19
N CYS B 60 -24.38 18.81 4.76
CA CYS B 60 -25.41 17.96 4.09
C CYS B 60 -26.76 17.92 4.82
N SER B 61 -27.28 19.05 5.28
CA SER B 61 -28.55 19.09 6.04
C SER B 61 -29.75 18.77 5.14
N SER B 62 -29.62 18.82 3.81
CA SER B 62 -30.71 18.46 2.85
C SER B 62 -30.96 16.95 2.81
N TYR B 63 -29.94 16.12 3.11
CA TYR B 63 -30.03 14.64 3.08
C TYR B 63 -30.42 14.15 4.46
N ALA B 64 -30.80 12.89 4.58
CA ALA B 64 -31.15 12.27 5.87
C ALA B 64 -30.38 10.97 6.02
N ILE B 65 -29.82 10.75 7.20
CA ILE B 65 -29.04 9.54 7.48
C ILE B 65 -29.99 8.38 7.77
N GLU B 66 -29.77 7.27 7.09
CA GLU B 66 -30.47 6.01 7.41
C GLU B 66 -29.80 5.38 8.61
N LYS B 67 -28.49 5.20 8.54
CA LYS B 67 -27.74 4.57 9.63
C LYS B 67 -26.26 4.91 9.52
N ILE B 68 -25.57 4.71 10.62
CA ILE B 68 -24.09 4.92 10.71
C ILE B 68 -23.52 3.65 11.32
N GLU B 69 -22.59 3.02 10.61
CA GLU B 69 -21.95 1.77 11.07
C GLU B 69 -20.49 2.07 11.39
N ARG B 70 -20.04 1.63 12.57
CA ARG B 70 -18.60 1.60 12.90
C ARG B 70 -17.96 0.39 12.20
N ILE B 71 -16.91 0.65 11.42
CA ILE B 71 -16.13 -0.40 10.71
C ILE B 71 -15.03 -0.88 11.63
N GLN B 72 -15.14 -2.13 12.08
CA GLN B 72 -14.12 -2.82 12.91
C GLN B 72 -13.38 -3.81 12.01
N ASN B 73 -12.29 -3.37 11.44
CA ASN B 73 -11.48 -4.19 10.50
C ASN B 73 -10.10 -4.31 11.13
N ALA B 74 -9.83 -5.43 11.81
CA ALA B 74 -8.61 -5.61 12.64
C ALA B 74 -7.36 -5.41 11.78
N PHE B 75 -7.29 -6.05 10.62
CA PHE B 75 -6.07 -6.03 9.77
C PHE B 75 -5.87 -4.62 9.21
N LEU B 76 -6.92 -3.97 8.67
CA LEU B 76 -6.75 -2.60 8.15
C LEU B 76 -6.31 -1.67 9.29
N TRP B 77 -6.87 -1.88 10.48
CA TRP B 77 -6.56 -1.00 11.62
C TRP B 77 -5.09 -1.14 11.95
N GLN B 78 -4.60 -2.39 12.02
CA GLN B 78 -3.19 -2.69 12.40
CA GLN B 78 -3.19 -2.69 12.42
C GLN B 78 -2.25 -2.01 11.41
N SER B 79 -2.50 -2.20 10.12
CA SER B 79 -1.60 -1.66 9.07
C SER B 79 -1.64 -0.14 9.08
N TYR B 80 -2.82 0.45 9.25
CA TYR B 80 -2.99 1.91 9.35
C TYR B 80 -2.26 2.46 10.57
N GLN B 81 -2.43 1.82 11.72
CA GLN B 81 -1.81 2.32 12.99
C GLN B 81 -0.30 2.24 12.87
N VAL B 82 0.23 1.22 12.18
CA VAL B 82 1.70 1.15 11.92
C VAL B 82 2.12 2.35 11.07
N LYS B 83 1.40 2.64 9.99
CA LYS B 83 1.76 3.81 9.14
C LYS B 83 1.62 5.11 9.93
N LYS B 84 0.63 5.21 10.81
CA LYS B 84 0.45 6.45 11.61
C LYS B 84 1.64 6.63 12.55
N ARG B 85 2.02 5.57 13.25
CA ARG B 85 3.19 5.60 14.15
C ARG B 85 4.42 6.05 13.37
N GLN B 86 4.62 5.48 12.20
CA GLN B 86 5.80 5.82 11.35
C GLN B 86 5.74 7.30 10.96
N MET B 87 4.58 7.81 10.56
CA MET B 87 4.47 9.22 10.14
C MET B 87 4.60 10.14 11.35
N ASP B 88 4.11 9.73 12.52
CA ASP B 88 4.28 10.49 13.78
C ASP B 88 5.77 10.56 14.13
N ILE B 89 6.52 9.48 13.92
CA ILE B 89 7.99 9.46 14.21
C ILE B 89 8.67 10.40 13.21
N LYS B 90 8.37 10.22 11.92
CA LYS B 90 9.07 10.91 10.82
C LYS B 90 8.84 12.42 10.90
N ASN B 91 7.61 12.85 11.18
CA ASN B 91 7.22 14.28 11.05
C ASN B 91 7.47 15.05 12.36
N ASP B 92 7.52 14.39 13.52
CA ASP B 92 7.77 15.08 14.84
C ASP B 92 6.74 16.20 15.10
N HIS B 93 5.71 15.88 15.89
CA HIS B 93 4.75 16.83 16.53
C HIS B 93 3.86 17.48 15.47
N LYS B 94 3.62 16.79 14.35
CA LYS B 94 2.55 17.17 13.41
C LYS B 94 1.24 16.48 13.82
N ASN B 95 0.12 17.17 13.64
CA ASN B 95 -1.21 16.51 13.57
C ASN B 95 -1.23 15.83 12.21
N ASN B 96 -0.90 14.55 12.14
CA ASN B 96 -0.78 13.87 10.82
C ASN B 96 -2.12 13.37 10.32
N GLU B 97 -3.14 13.31 11.18
CA GLU B 97 -4.38 12.60 10.84
C GLU B 97 -5.56 13.55 10.82
N ARG B 98 -6.34 13.46 9.76
CA ARG B 98 -7.59 14.22 9.62
C ARG B 98 -8.72 13.23 9.43
N LEU B 99 -9.93 13.65 9.81
CA LEU B 99 -11.14 12.85 9.63
C LEU B 99 -11.88 13.42 8.42
N LEU B 100 -11.92 12.65 7.35
CA LEU B 100 -12.38 13.14 6.04
C LEU B 100 -13.49 12.22 5.54
N PHE B 101 -14.09 12.57 4.43
CA PHE B 101 -15.23 11.85 3.85
C PHE B 101 -14.84 11.24 2.52
N HIS B 102 -15.46 10.12 2.19
CA HIS B 102 -15.27 9.49 0.87
C HIS B 102 -16.58 8.89 0.42
N GLY B 103 -17.17 9.51 -0.60
CA GLY B 103 -18.38 8.96 -1.24
C GLY B 103 -18.00 7.87 -2.19
N THR B 104 -18.75 6.77 -2.20
CA THR B 104 -18.52 5.75 -3.24
C THR B 104 -19.82 5.04 -3.59
N ASP B 105 -19.75 4.21 -4.61
CA ASP B 105 -20.92 3.45 -5.10
C ASP B 105 -21.12 2.22 -4.21
N ALA B 106 -22.34 1.70 -4.23
CA ALA B 106 -22.70 0.50 -3.46
C ALA B 106 -21.82 -0.68 -3.85
N ASP B 107 -21.46 -0.84 -5.13
CA ASP B 107 -20.67 -2.02 -5.60
C ASP B 107 -19.27 -2.02 -4.94
N SER B 108 -18.77 -0.87 -4.49
CA SER B 108 -17.41 -0.73 -3.90
C SER B 108 -17.41 -1.00 -2.39
N VAL B 109 -18.57 -0.91 -1.74
CA VAL B 109 -18.66 -0.88 -0.25
C VAL B 109 -18.09 -2.19 0.32
N PRO B 110 -18.44 -3.41 -0.16
CA PRO B 110 -17.87 -4.64 0.42
C PRO B 110 -16.33 -4.65 0.34
N TYR B 111 -15.76 -4.21 -0.78
CA TYR B 111 -14.29 -4.18 -0.97
C TYR B 111 -13.67 -3.18 0.00
N VAL B 112 -14.19 -1.96 0.08
CA VAL B 112 -13.61 -0.94 0.98
C VAL B 112 -13.70 -1.45 2.43
N ASN B 113 -14.85 -1.98 2.81
CA ASN B 113 -15.06 -2.48 4.18
C ASN B 113 -13.94 -3.45 4.57
N GLN B 114 -13.56 -4.33 3.65
CA GLN B 114 -12.64 -5.46 3.90
C GLN B 114 -11.19 -5.06 3.61
N HIS B 115 -10.98 -4.25 2.57
CA HIS B 115 -9.62 -4.05 1.99
C HIS B 115 -9.22 -2.58 1.96
N GLY B 116 -10.13 -1.68 2.30
CA GLY B 116 -9.83 -0.24 2.40
C GLY B 116 -9.75 0.38 1.01
N PHE B 117 -8.97 1.45 0.88
CA PHE B 117 -9.04 2.31 -0.31
C PHE B 117 -7.87 2.01 -1.23
N ASN B 118 -8.20 1.62 -2.44
CA ASN B 118 -7.23 1.13 -3.44
C ASN B 118 -7.14 2.18 -4.55
N ARG B 119 -6.00 2.85 -4.63
CA ARG B 119 -5.77 3.88 -5.68
C ARG B 119 -5.92 3.28 -7.08
N SER B 120 -5.67 1.99 -7.25
CA SER B 120 -5.75 1.36 -8.59
C SER B 120 -7.21 1.33 -9.08
N CYS B 121 -8.16 1.51 -8.17
CA CYS B 121 -9.63 1.48 -8.48
C CYS B 121 -10.20 2.90 -8.56
N ALA B 122 -9.41 3.93 -8.23
CA ALA B 122 -9.92 5.32 -8.10
C ALA B 122 -10.35 5.86 -9.47
N GLY B 123 -11.45 6.60 -9.51
CA GLY B 123 -11.88 7.34 -10.71
C GLY B 123 -10.99 8.57 -10.92
N LYS B 124 -10.91 9.07 -12.15
CA LYS B 124 -10.29 10.41 -12.39
C LYS B 124 -11.20 11.45 -11.72
N ASN B 125 -10.65 12.36 -10.92
CA ASN B 125 -11.49 13.36 -10.23
C ASN B 125 -11.78 14.49 -11.24
N ALA B 126 -12.95 15.15 -11.17
CA ALA B 126 -13.29 16.26 -12.11
C ALA B 126 -12.25 17.40 -11.99
N VAL B 127 -11.64 17.58 -10.82
CA VAL B 127 -10.43 18.43 -10.71
C VAL B 127 -9.32 17.53 -10.14
N SER B 128 -8.42 17.10 -11.02
CA SER B 128 -7.40 16.12 -10.61
C SER B 128 -6.17 16.83 -10.08
N TYR B 129 -5.78 16.45 -8.88
CA TYR B 129 -4.53 16.86 -8.21
C TYR B 129 -3.63 15.65 -8.02
N GLY B 130 -3.85 14.60 -8.80
CA GLY B 130 -3.00 13.40 -8.75
C GLY B 130 -3.81 12.14 -8.87
N LYS B 131 -3.14 11.05 -9.24
CA LYS B 131 -3.75 9.72 -9.44
C LYS B 131 -3.69 9.00 -8.10
N GLY B 132 -4.69 9.25 -7.27
CA GLY B 132 -4.75 8.59 -5.97
C GLY B 132 -6.15 8.52 -5.47
N THR B 133 -6.30 8.17 -4.22
CA THR B 133 -7.63 8.13 -3.58
C THR B 133 -7.94 9.53 -3.02
N TYR B 134 -9.11 10.04 -3.34
CA TYR B 134 -9.58 11.38 -2.93
C TYR B 134 -10.43 11.30 -1.67
N PHE B 135 -10.21 12.27 -0.80
CA PHE B 135 -10.97 12.42 0.47
C PHE B 135 -11.40 13.88 0.61
N ALA B 136 -12.64 14.10 1.02
CA ALA B 136 -13.22 15.45 1.15
C ALA B 136 -13.21 15.93 2.58
N VAL B 137 -12.95 17.22 2.74
CA VAL B 137 -13.11 17.92 4.02
C VAL B 137 -14.60 18.01 4.34
N ASP B 138 -15.41 18.35 3.32
CA ASP B 138 -16.86 18.58 3.51
C ASP B 138 -17.67 17.41 2.99
N ALA B 139 -18.61 16.92 3.81
CA ALA B 139 -19.52 15.83 3.42
C ALA B 139 -20.29 16.22 2.16
N SER B 140 -20.63 17.50 1.97
CA SER B 140 -21.35 17.98 0.77
C SER B 140 -20.62 17.55 -0.52
N TYR B 141 -19.30 17.55 -0.51
CA TYR B 141 -18.51 17.20 -1.72
C TYR B 141 -18.72 15.71 -2.01
N SER B 142 -18.50 14.88 -1.00
CA SER B 142 -18.65 13.42 -1.10
C SER B 142 -20.11 13.05 -1.39
N ALA B 143 -21.06 13.91 -1.03
CA ALA B 143 -22.51 13.65 -1.19
C ALA B 143 -22.94 13.79 -2.65
N LYS B 144 -22.10 14.37 -3.52
CA LYS B 144 -22.41 14.44 -4.98
C LYS B 144 -22.68 13.03 -5.53
N ASP B 145 -23.70 12.91 -6.37
CA ASP B 145 -24.08 11.62 -6.99
C ASP B 145 -22.90 11.03 -7.77
N THR B 146 -21.99 11.87 -8.26
CA THR B 146 -20.79 11.42 -9.01
C THR B 146 -19.93 10.52 -8.11
N TYR B 147 -19.97 10.69 -6.78
CA TYR B 147 -19.15 9.92 -5.81
C TYR B 147 -20.03 8.89 -5.10
N SER B 148 -20.97 9.37 -4.29
CA SER B 148 -21.90 8.49 -3.50
C SER B 148 -23.08 8.15 -4.41
N LYS B 149 -22.81 7.39 -5.45
CA LYS B 149 -23.83 7.12 -6.48
C LYS B 149 -25.02 6.47 -5.80
N PRO B 150 -26.24 6.99 -5.99
CA PRO B 150 -27.42 6.34 -5.41
C PRO B 150 -27.57 4.93 -5.96
N ASP B 151 -27.84 3.97 -5.09
CA ASP B 151 -28.05 2.57 -5.52
C ASP B 151 -29.50 2.42 -6.00
N SER B 152 -29.87 1.20 -6.37
CA SER B 152 -31.19 0.94 -7.01
C SER B 152 -32.32 1.23 -6.01
N ASN B 153 -32.00 1.40 -4.72
CA ASN B 153 -32.99 1.76 -3.67
C ASN B 153 -32.84 3.21 -3.23
N GLY B 154 -32.00 3.99 -3.93
CA GLY B 154 -31.83 5.42 -3.63
C GLY B 154 -30.93 5.64 -2.44
N ARG B 155 -30.20 4.63 -2.01
CA ARG B 155 -29.26 4.79 -0.87
C ARG B 155 -27.91 5.26 -1.41
N LYS B 156 -27.38 6.25 -0.73
CA LYS B 156 -26.03 6.81 -1.00
C LYS B 156 -25.13 6.37 0.15
N HIS B 157 -23.85 6.19 -0.13
CA HIS B 157 -22.90 5.66 0.86
C HIS B 157 -21.68 6.56 0.96
N MET B 158 -21.35 6.94 2.18
CA MET B 158 -20.19 7.82 2.41
C MET B 158 -19.41 7.26 3.59
N TYR B 159 -18.13 7.07 3.42
CA TYR B 159 -17.24 6.69 4.53
C TYR B 159 -16.77 7.95 5.25
N VAL B 160 -16.58 7.78 6.56
CA VAL B 160 -15.84 8.75 7.38
C VAL B 160 -14.51 8.07 7.67
N VAL B 161 -13.42 8.77 7.37
CA VAL B 161 -12.11 8.08 7.15
C VAL B 161 -11.05 8.81 7.95
N ARG B 162 -10.26 8.05 8.71
CA ARG B 162 -9.02 8.59 9.29
C ARG B 162 -7.96 8.57 8.18
N VAL B 163 -7.44 9.74 7.83
CA VAL B 163 -6.50 9.87 6.70
C VAL B 163 -5.19 10.47 7.20
N LEU B 164 -4.08 9.82 6.85
CA LEU B 164 -2.76 10.36 7.25
C LEU B 164 -2.33 11.39 6.21
N THR B 165 -2.88 12.60 6.33
CA THR B 165 -2.56 13.74 5.46
C THR B 165 -1.13 14.22 5.71
N GLY B 166 -0.64 14.10 6.93
CA GLY B 166 0.74 14.50 7.22
C GLY B 166 1.06 15.90 6.75
N VAL B 167 2.23 16.05 6.14
CA VAL B 167 2.70 17.33 5.54
C VAL B 167 2.33 17.28 4.08
N PHE B 168 1.60 18.28 3.62
CA PHE B 168 0.99 18.23 2.29
C PHE B 168 1.33 19.50 1.51
N THR B 169 1.15 19.41 0.20
CA THR B 169 1.38 20.51 -0.75
C THR B 169 0.28 20.46 -1.81
N LYS B 170 0.16 21.50 -2.61
CA LYS B 170 -0.82 21.48 -3.73
C LYS B 170 -0.43 20.38 -4.70
N GLY B 171 -1.36 19.51 -5.05
CA GLY B 171 -1.08 18.45 -6.01
C GLY B 171 -1.08 18.94 -7.46
N ARG B 172 -0.87 18.01 -8.36
CA ARG B 172 -0.83 18.20 -9.83
CA ARG B 172 -0.96 18.25 -9.82
C ARG B 172 -1.36 16.94 -10.48
N ALA B 173 -2.10 17.06 -11.58
CA ALA B 173 -2.74 15.91 -12.25
C ALA B 173 -1.73 14.79 -12.57
N GLY B 174 -0.48 15.10 -12.88
CA GLY B 174 0.46 14.02 -13.29
C GLY B 174 0.92 13.09 -12.15
N LEU B 175 0.65 13.42 -10.90
CA LEU B 175 1.29 12.69 -9.76
C LEU B 175 0.77 11.25 -9.65
N VAL B 176 1.68 10.29 -9.46
CA VAL B 176 1.33 8.90 -9.08
C VAL B 176 1.82 8.62 -7.65
N THR B 177 2.64 9.51 -7.07
CA THR B 177 3.01 9.58 -5.63
C THR B 177 3.02 11.05 -5.23
N PRO B 178 3.04 11.42 -3.93
CA PRO B 178 3.14 12.82 -3.59
C PRO B 178 4.50 13.26 -4.10
N PRO B 179 4.65 14.57 -4.33
CA PRO B 179 5.90 15.10 -4.87
C PRO B 179 6.95 15.13 -3.76
N PRO B 180 8.22 15.21 -4.14
CA PRO B 180 9.27 15.43 -3.15
C PRO B 180 9.13 16.82 -2.53
N LYS B 181 9.58 16.95 -1.29
CA LYS B 181 9.68 18.27 -0.62
CA LYS B 181 9.68 18.27 -0.61
C LYS B 181 10.79 19.09 -1.27
N ASN B 182 11.79 18.39 -1.79
CA ASN B 182 13.04 18.99 -2.28
C ASN B 182 13.42 18.27 -3.57
N PRO B 183 13.50 18.98 -4.70
CA PRO B 183 13.79 18.34 -5.99
C PRO B 183 15.14 17.63 -6.03
N HIS B 184 16.08 18.00 -5.16
CA HIS B 184 17.43 17.38 -5.12
C HIS B 184 17.45 16.15 -4.22
N ASN B 185 16.31 15.82 -3.60
CA ASN B 185 16.20 14.60 -2.76
C ASN B 185 14.86 13.98 -3.12
N PRO B 186 14.76 13.37 -4.31
CA PRO B 186 13.46 12.99 -4.86
C PRO B 186 12.70 11.94 -4.04
N THR B 187 13.33 11.24 -3.10
CA THR B 187 12.66 10.14 -2.35
C THR B 187 12.05 10.66 -1.05
N ASP B 188 12.33 11.90 -0.63
CA ASP B 188 11.77 12.39 0.66
C ASP B 188 10.49 13.17 0.35
N LEU B 189 9.36 12.48 0.53
CA LEU B 189 8.08 12.89 -0.09
C LEU B 189 7.23 13.68 0.89
N PHE B 190 6.38 14.54 0.35
CA PHE B 190 5.18 14.98 1.07
C PHE B 190 4.33 13.74 1.39
N ASP B 191 3.48 13.81 2.42
CA ASP B 191 2.66 12.64 2.81
C ASP B 191 1.41 12.56 1.94
N SER B 192 0.92 13.72 1.48
CA SER B 192 -0.32 13.80 0.71
C SER B 192 -0.31 15.11 -0.08
N VAL B 193 -1.27 15.27 -0.97
CA VAL B 193 -1.46 16.57 -1.66
C VAL B 193 -2.90 17.04 -1.46
N THR B 194 -3.11 18.30 -1.74
CA THR B 194 -4.42 18.96 -1.58
C THR B 194 -4.69 19.86 -2.78
N ASN B 195 -5.90 20.40 -2.86
CA ASN B 195 -6.28 21.34 -3.94
C ASN B 195 -5.69 22.72 -3.63
N ASN B 196 -5.52 23.07 -2.36
CA ASN B 196 -5.19 24.44 -1.89
C ASN B 196 -4.66 24.35 -0.46
N THR B 197 -3.41 24.72 -0.22
CA THR B 197 -2.77 24.51 1.10
C THR B 197 -3.33 25.49 2.12
N ARG B 198 -3.73 26.69 1.69
CA ARG B 198 -4.33 27.72 2.58
C ARG B 198 -5.75 27.32 2.95
N SER B 199 -6.53 26.75 2.02
CA SER B 199 -7.95 26.36 2.27
C SER B 199 -8.21 24.95 1.74
N PRO B 200 -7.67 23.88 2.37
CA PRO B 200 -7.80 22.54 1.80
C PRO B 200 -9.26 22.09 1.83
N LYS B 201 -9.75 21.58 0.70
CA LYS B 201 -11.10 20.97 0.64
C LYS B 201 -11.01 19.51 0.24
N LEU B 202 -9.88 19.08 -0.31
CA LEU B 202 -9.70 17.66 -0.66
C LEU B 202 -8.24 17.28 -0.44
N PHE B 203 -8.05 16.00 -0.17
CA PHE B 203 -6.70 15.43 0.00
C PHE B 203 -6.63 14.19 -0.86
N VAL B 204 -5.46 13.98 -1.42
CA VAL B 204 -5.19 12.77 -2.24
C VAL B 204 -4.10 11.98 -1.54
N VAL B 205 -4.31 10.70 -1.38
CA VAL B 205 -3.25 9.82 -0.86
C VAL B 205 -2.95 8.74 -1.90
N PHE B 206 -1.70 8.30 -1.86
CA PHE B 206 -1.12 7.50 -2.95
C PHE B 206 -0.62 6.15 -2.44
N PHE B 207 -0.82 5.85 -1.15
CA PHE B 207 -0.29 4.57 -0.62
C PHE B 207 -1.38 3.83 0.12
N ASP B 208 -1.23 2.50 0.14
CA ASP B 208 -2.17 1.63 0.87
C ASP B 208 -2.00 1.88 2.37
N ASN B 209 -3.09 1.71 3.11
CA ASN B 209 -3.01 1.74 4.60
C ASN B 209 -2.67 3.16 5.05
N GLN B 210 -2.96 4.18 4.24
CA GLN B 210 -2.80 5.58 4.66
C GLN B 210 -4.16 6.17 5.04
N ALA B 211 -5.21 5.35 4.96
CA ALA B 211 -6.61 5.78 5.21
C ALA B 211 -7.32 4.59 5.85
N TYR B 212 -8.00 4.80 6.96
CA TYR B 212 -8.76 3.75 7.64
C TYR B 212 -10.23 4.12 7.54
N PRO B 213 -11.06 3.28 6.87
CA PRO B 213 -12.48 3.54 6.77
C PRO B 213 -13.08 3.26 8.16
N GLU B 214 -13.50 4.32 8.86
CA GLU B 214 -13.91 4.21 10.27
C GLU B 214 -15.42 4.06 10.40
N TYR B 215 -16.18 4.83 9.62
CA TYR B 215 -17.66 4.74 9.66
C TYR B 215 -18.18 4.71 8.24
N LEU B 216 -19.28 3.98 8.05
CA LEU B 216 -20.07 4.01 6.82
C LEU B 216 -21.39 4.70 7.13
N ILE B 217 -21.65 5.82 6.46
CA ILE B 217 -22.95 6.53 6.52
C ILE B 217 -23.75 6.06 5.32
N THR B 218 -24.93 5.53 5.59
CA THR B 218 -25.94 5.24 4.56
C THR B 218 -26.99 6.34 4.66
N PHE B 219 -27.29 7.00 3.54
CA PHE B 219 -28.17 8.18 3.60
C PHE B 219 -29.00 8.25 2.33
N THR B 220 -30.06 9.06 2.39
CA THR B 220 -31.03 9.20 1.27
C THR B 220 -31.41 10.66 1.15
N ALA B 221 -31.98 11.04 0.02
CA ALA B 221 -32.66 12.34 -0.15
C ALA B 221 -33.92 12.32 0.73
C4 8D2 C . 8.57 -8.20 -14.97
C14 8D2 C . 10.69 -9.66 -13.94
C5 8D2 C . 8.65 -9.56 -15.18
C6 8D2 C . 6.97 -9.49 -16.91
C11 8D2 C . 4.55 -11.28 -19.22
C7 8D2 C . 6.42 -10.46 -17.92
C8 8D2 C . 7.21 -11.45 -18.49
C9 8D2 C . 6.67 -12.34 -19.42
C10 8D2 C . 5.34 -12.24 -19.78
C12 8D2 C . 5.10 -10.40 -18.33
C13 8D2 C . 9.71 -10.30 -14.62
N1 8D2 C . 11.61 -6.30 -12.90
N2 8D2 C . 10.51 -5.55 -13.35
C3 8D2 C . 9.58 -7.54 -14.24
O1 8D2 C . 12.69 -8.23 -12.61
C1 8D2 C . 11.70 -7.64 -13.04
C2 8D2 C . 9.52 -6.13 -14.03
O2 8D2 C . 8.58 -5.42 -14.43
O3 8D2 C . 7.69 -10.24 -15.88
F1 8D2 C . 4.30 -9.43 -17.82
C15 8D2 C . 10.65 -8.29 -13.74
C1 MPD D . 10.11 0.49 -11.62
C2 MPD D . 10.03 -0.76 -10.74
O2 MPD D . 11.18 -1.58 -11.05
CM MPD D . 8.80 -1.60 -11.05
C3 MPD D . 10.15 -0.40 -9.25
C4 MPD D . 8.90 0.25 -8.61
O4 MPD D . 7.99 -0.76 -8.14
C5 MPD D . 9.15 1.21 -7.48
#